data_5FWN
#
_entry.id   5FWN
#
_cell.length_a   52.852
_cell.length_b   65.671
_cell.length_c   147.556
_cell.angle_alpha   90.00
_cell.angle_beta   90.00
_cell.angle_gamma   90.00
#
_symmetry.space_group_name_H-M   'P 21 21 21'
#
loop_
_entity.id
_entity.type
_entity.pdbx_description
1 polymer 'IMINE REDUCTASE'
2 non-polymer 'NADP NICOTINAMIDE-ADENINE-DINUCLEOTIDE PHOSPHATE'
3 non-polymer 'SULFATE ION'
4 non-polymer (1R)-1-methyl-1,2,3,4-tetrahydroisoquinoline
5 water water
#
_entity_poly.entity_id   1
_entity_poly.type   'polypeptide(L)'
_entity_poly.pdbx_seq_one_letter_code
;MTDQNLPVTVAGLGPMGSALAAALLDRGHDVTVWNRSPGKAAPLVAKGARQADDIVDAVSASRLLVVCLADYDALYSALG
PAREALRGRVVVNLNSGTPKEANEALRWAERHGTGYLDGAIMVPPAMVGHPGSVFLYSGSAEVFEEYKETLAGLGDPVHL
GTEAGLAVLYNTALLSMMYSSMNGFLHAAALVGSAGVPAAEFTKLAVDWFLPAVIGQIIKAEAPTIDEGVYPGDAGSLEM
NVTTLKHIIGTSQEQGVDTEIPVRNKELLDRAVAAGFGESSYYSVIELWR
;
_entity_poly.pdbx_strand_id   A,B
#
# COMPACT_ATOMS: atom_id res chain seq x y z
N ASP A 3 -12.15 -11.17 -36.80
CA ASP A 3 -11.00 -10.76 -37.67
C ASP A 3 -9.76 -10.56 -36.80
N GLN A 4 -8.85 -11.52 -36.90
CA GLN A 4 -7.65 -11.53 -36.04
C GLN A 4 -6.59 -10.55 -36.52
N ASN A 5 -6.76 -9.96 -37.73
CA ASN A 5 -5.76 -9.01 -38.26
C ASN A 5 -6.40 -7.65 -38.49
N LEU A 6 -7.52 -7.46 -37.81
CA LEU A 6 -8.34 -6.28 -37.92
C LEU A 6 -7.46 -5.01 -38.06
N PRO A 7 -7.68 -4.18 -39.10
CA PRO A 7 -6.94 -2.92 -39.21
C PRO A 7 -7.24 -2.04 -37.95
N VAL A 8 -6.23 -1.39 -37.45
CA VAL A 8 -6.36 -0.46 -36.31
C VAL A 8 -5.51 0.78 -36.57
N THR A 9 -6.04 1.93 -36.16
CA THR A 9 -5.31 3.19 -36.25
C THR A 9 -5.00 3.62 -34.82
N VAL A 10 -3.76 4.05 -34.60
CA VAL A 10 -3.33 4.64 -33.36
C VAL A 10 -3.06 6.12 -33.62
N ALA A 11 -3.81 6.99 -32.94
CA ALA A 11 -3.55 8.44 -32.97
C ALA A 11 -2.91 8.90 -31.66
N GLY A 12 -1.67 9.38 -31.79
CA GLY A 12 -0.84 9.74 -30.65
C GLY A 12 0.32 8.78 -30.49
N LEU A 13 1.56 9.24 -30.68
CA LEU A 13 2.72 8.38 -30.71
C LEU A 13 3.77 8.83 -29.71
N GLY A 14 3.32 9.40 -28.59
CA GLY A 14 4.17 9.46 -27.42
C GLY A 14 4.54 8.05 -26.93
N PRO A 15 5.25 7.98 -25.79
CA PRO A 15 5.80 6.68 -25.36
C PRO A 15 4.72 5.62 -25.19
N MET A 16 3.59 5.99 -24.66
CA MET A 16 2.47 5.04 -24.58
C MET A 16 1.82 4.65 -25.92
N GLY A 17 1.44 5.64 -26.70
CA GLY A 17 0.91 5.36 -27.99
C GLY A 17 1.83 4.54 -28.87
N SER A 18 3.13 4.79 -28.77
CA SER A 18 4.10 4.03 -29.53
C SER A 18 4.12 2.53 -29.09
N ALA A 19 4.08 2.32 -27.78
CA ALA A 19 3.98 0.97 -27.25
C ALA A 19 2.68 0.29 -27.71
N LEU A 20 1.55 1.02 -27.77
CA LEU A 20 0.28 0.40 -28.17
C LEU A 20 0.39 -0.05 -29.63
N ALA A 21 0.95 0.83 -30.46
CA ALA A 21 1.11 0.56 -31.87
C ALA A 21 2.04 -0.63 -32.11
N ALA A 22 3.14 -0.66 -31.39
CA ALA A 22 4.11 -1.77 -31.52
C ALA A 22 3.47 -3.10 -31.08
N ALA A 23 2.76 -3.06 -29.96
CA ALA A 23 2.04 -4.25 -29.52
C ALA A 23 1.04 -4.75 -30.57
N LEU A 24 0.29 -3.83 -31.19
CA LEU A 24 -0.68 -4.21 -32.20
C LEU A 24 -0.03 -4.80 -33.46
N LEU A 25 1.11 -4.24 -33.83
CA LEU A 25 1.92 -4.77 -34.92
C LEU A 25 2.38 -6.19 -34.58
N ASP A 26 2.89 -6.42 -33.38
CA ASP A 26 3.27 -7.79 -32.96
C ASP A 26 2.15 -8.83 -33.02
N ARG A 27 0.90 -8.40 -32.92
CA ARG A 27 -0.22 -9.35 -32.95
C ARG A 27 -0.92 -9.50 -34.25
N GLY A 28 -0.28 -9.05 -35.33
CA GLY A 28 -0.78 -9.35 -36.66
C GLY A 28 -1.84 -8.37 -37.14
N HIS A 29 -1.89 -7.14 -36.59
CA HIS A 29 -2.74 -6.11 -37.16
C HIS A 29 -2.05 -5.22 -38.21
N ASP A 30 -2.84 -4.82 -39.17
CA ASP A 30 -2.49 -3.76 -40.09
C ASP A 30 -2.72 -2.43 -39.36
N VAL A 31 -1.61 -1.83 -38.95
CA VAL A 31 -1.64 -0.67 -38.08
C VAL A 31 -1.33 0.60 -38.87
N THR A 32 -2.24 1.57 -38.80
CA THR A 32 -1.99 2.92 -39.34
C THR A 32 -1.71 3.82 -38.16
N VAL A 33 -0.61 4.57 -38.24
CA VAL A 33 -0.25 5.50 -37.17
C VAL A 33 -0.32 6.97 -37.57
N TRP A 34 -0.63 7.81 -36.60
CA TRP A 34 -0.71 9.24 -36.79
C TRP A 34 -0.22 9.93 -35.56
N ASN A 35 0.46 11.04 -35.76
CA ASN A 35 0.91 11.91 -34.67
C ASN A 35 1.00 13.32 -35.21
N ARG A 36 0.68 14.30 -34.37
CA ARG A 36 0.71 15.68 -34.79
C ARG A 36 2.13 16.15 -35.19
N SER A 37 3.07 16.00 -34.28
CA SER A 37 4.48 16.31 -34.52
C SER A 37 5.21 15.23 -35.31
N PRO A 38 6.12 15.66 -36.20
CA PRO A 38 6.88 14.68 -36.98
C PRO A 38 7.94 14.06 -36.11
N GLY A 39 8.59 13.01 -36.62
CA GLY A 39 9.70 12.34 -35.93
C GLY A 39 9.32 11.18 -34.99
N LYS A 40 8.03 10.92 -34.79
CA LYS A 40 7.62 9.78 -33.94
C LYS A 40 7.13 8.53 -34.68
N ALA A 41 6.77 8.67 -35.95
CA ALA A 41 6.21 7.57 -36.75
C ALA A 41 7.24 6.61 -37.35
N ALA A 42 8.45 7.09 -37.60
CA ALA A 42 9.51 6.36 -38.31
C ALA A 42 9.89 5.00 -37.68
N PRO A 43 10.16 5.00 -36.37
CA PRO A 43 10.38 3.68 -35.75
C PRO A 43 9.24 2.69 -35.94
N LEU A 44 7.99 3.17 -35.99
CA LEU A 44 6.84 2.28 -36.14
C LEU A 44 6.64 1.87 -37.56
N VAL A 45 6.87 2.79 -38.49
CA VAL A 45 6.88 2.45 -39.90
C VAL A 45 7.92 1.33 -40.18
N ALA A 46 9.12 1.49 -39.64
CA ALA A 46 10.16 0.44 -39.78
C ALA A 46 9.61 -0.93 -39.38
N LYS A 47 8.73 -0.95 -38.39
CA LYS A 47 8.19 -2.20 -37.86
C LYS A 47 7.01 -2.68 -38.63
N GLY A 48 6.62 -2.00 -39.70
CA GLY A 48 5.47 -2.43 -40.51
C GLY A 48 4.20 -1.59 -40.46
N ALA A 49 4.17 -0.53 -39.62
CA ALA A 49 3.02 0.42 -39.62
C ALA A 49 2.95 1.28 -40.90
N ARG A 50 1.75 1.64 -41.32
CA ARG A 50 1.56 2.59 -42.43
C ARG A 50 1.33 3.96 -41.78
N GLN A 51 2.12 4.97 -42.12
CA GLN A 51 1.87 6.33 -41.64
C GLN A 51 0.73 7.04 -42.39
N ALA A 52 -0.22 7.65 -41.70
CA ALA A 52 -1.21 8.52 -42.35
C ALA A 52 -0.79 10.01 -42.37
N ASP A 53 -1.08 10.67 -43.48
CA ASP A 53 -0.77 12.08 -43.67
C ASP A 53 -1.48 12.98 -42.63
N ASP A 54 -2.79 12.97 -42.68
CA ASP A 54 -3.62 13.82 -41.88
C ASP A 54 -4.62 12.91 -41.14
N ILE A 55 -5.37 13.50 -40.24
CA ILE A 55 -6.26 12.75 -39.39
C ILE A 55 -7.42 12.07 -40.15
N VAL A 56 -7.88 12.66 -41.26
CA VAL A 56 -8.91 12.05 -42.05
C VAL A 56 -8.46 10.71 -42.64
N ASP A 57 -7.27 10.68 -43.25
CA ASP A 57 -6.66 9.47 -43.78
C ASP A 57 -6.49 8.44 -42.67
N ALA A 58 -6.03 8.92 -41.51
CA ALA A 58 -5.81 8.00 -40.37
C ALA A 58 -7.11 7.31 -39.93
N VAL A 59 -8.15 8.11 -39.71
CA VAL A 59 -9.46 7.62 -39.33
C VAL A 59 -10.10 6.67 -40.43
N SER A 60 -9.91 7.04 -41.69
CA SER A 60 -10.50 6.33 -42.83
C SER A 60 -9.87 4.99 -43.08
N ALA A 61 -8.66 4.77 -42.59
CA ALA A 61 -7.97 3.54 -42.77
C ALA A 61 -8.48 2.36 -41.95
N SER A 62 -9.24 2.58 -40.88
CA SER A 62 -9.55 1.51 -39.92
C SER A 62 -10.91 1.80 -39.33
N ARG A 63 -11.63 0.76 -38.95
CA ARG A 63 -12.87 0.89 -38.27
C ARG A 63 -12.61 1.16 -36.74
N LEU A 64 -11.52 0.63 -36.20
CA LEU A 64 -11.14 0.86 -34.80
C LEU A 64 -10.03 1.92 -34.65
N LEU A 65 -10.31 2.95 -33.85
CA LEU A 65 -9.36 4.04 -33.63
C LEU A 65 -8.98 4.08 -32.16
N VAL A 66 -7.71 3.83 -31.88
CA VAL A 66 -7.16 3.86 -30.55
C VAL A 66 -6.52 5.21 -30.38
N VAL A 67 -6.98 5.98 -29.41
CA VAL A 67 -6.50 7.35 -29.21
C VAL A 67 -5.72 7.40 -27.92
N CYS A 68 -4.51 7.92 -27.98
CA CYS A 68 -3.67 8.11 -26.83
C CYS A 68 -2.96 9.45 -26.90
N LEU A 69 -3.70 10.47 -26.50
CA LEU A 69 -3.22 11.85 -26.51
C LEU A 69 -3.19 12.42 -25.11
N ALA A 70 -2.64 13.64 -24.97
CA ALA A 70 -2.40 14.27 -23.65
C ALA A 70 -3.67 14.48 -22.84
N ASP A 71 -4.67 15.10 -23.43
CA ASP A 71 -5.94 15.32 -22.73
C ASP A 71 -7.09 15.41 -23.72
N TYR A 72 -8.26 15.76 -23.20
CA TYR A 72 -9.46 15.97 -24.01
C TYR A 72 -9.44 17.02 -25.05
N ASP A 73 -8.84 18.14 -24.69
CA ASP A 73 -8.66 19.21 -25.60
C ASP A 73 -7.88 18.71 -26.81
N ALA A 74 -6.85 17.89 -26.55
CA ALA A 74 -5.97 17.36 -27.61
C ALA A 74 -6.76 16.44 -28.50
N LEU A 75 -7.66 15.65 -27.92
CA LEU A 75 -8.51 14.77 -28.69
C LEU A 75 -9.41 15.57 -29.65
N TYR A 76 -10.01 16.66 -29.15
CA TYR A 76 -10.99 17.41 -29.95
C TYR A 76 -10.27 18.13 -31.10
N SER A 77 -9.14 18.76 -30.79
CA SER A 77 -8.37 19.44 -31.78
C SER A 77 -7.80 18.50 -32.85
N ALA A 78 -7.23 17.36 -32.43
CA ALA A 78 -6.75 16.33 -33.33
C ALA A 78 -7.86 15.77 -34.21
N LEU A 79 -8.95 15.35 -33.60
CA LEU A 79 -9.95 14.50 -34.32
C LEU A 79 -11.08 15.32 -34.94
N GLY A 80 -11.28 16.55 -34.45
CA GLY A 80 -12.31 17.43 -35.00
C GLY A 80 -12.44 17.41 -36.52
N PRO A 81 -11.31 17.62 -37.25
CA PRO A 81 -11.43 17.65 -38.72
C PRO A 81 -12.00 16.39 -39.32
N ALA A 82 -11.88 15.26 -38.60
CA ALA A 82 -12.34 13.96 -39.07
C ALA A 82 -13.76 13.66 -38.62
N ARG A 83 -14.53 14.68 -38.21
CA ARG A 83 -15.95 14.58 -37.82
C ARG A 83 -16.75 13.52 -38.56
N GLU A 84 -16.73 13.67 -39.87
CA GLU A 84 -17.62 12.91 -40.75
C GLU A 84 -17.12 11.51 -41.07
N ALA A 85 -15.83 11.39 -41.26
CA ALA A 85 -15.16 10.14 -41.45
C ALA A 85 -15.32 9.21 -40.26
N LEU A 86 -15.62 9.79 -39.10
CA LEU A 86 -15.78 9.01 -37.88
C LEU A 86 -17.07 8.19 -37.89
N ARG A 87 -18.04 8.56 -38.75
CA ARG A 87 -19.34 7.90 -38.70
C ARG A 87 -19.23 6.41 -38.93
N GLY A 88 -19.84 5.62 -38.05
CA GLY A 88 -19.76 4.14 -38.15
C GLY A 88 -18.47 3.50 -37.69
N ARG A 89 -17.52 4.25 -37.14
CA ARG A 89 -16.26 3.70 -36.58
C ARG A 89 -16.37 3.59 -35.05
N VAL A 90 -15.29 3.20 -34.38
CA VAL A 90 -15.25 3.07 -32.93
C VAL A 90 -13.98 3.74 -32.44
N VAL A 91 -14.14 4.56 -31.43
CA VAL A 91 -13.04 5.22 -30.75
C VAL A 91 -12.82 4.59 -29.40
N VAL A 92 -11.58 4.20 -29.11
CA VAL A 92 -11.17 3.70 -27.84
C VAL A 92 -10.21 4.76 -27.30
N ASN A 93 -10.69 5.56 -26.38
CA ASN A 93 -9.95 6.71 -25.81
C ASN A 93 -9.20 6.23 -24.55
N LEU A 94 -7.88 6.29 -24.61
CA LEU A 94 -7.03 5.78 -23.53
C LEU A 94 -6.38 6.88 -22.69
N ASN A 95 -6.86 8.10 -22.75
CA ASN A 95 -6.33 9.05 -21.81
C ASN A 95 -7.24 10.13 -21.36
N SER A 96 -8.50 9.84 -20.99
CA SER A 96 -9.33 10.87 -20.35
C SER A 96 -8.77 11.15 -18.96
N GLY A 97 -8.83 12.43 -18.58
CA GLY A 97 -8.32 12.94 -17.34
C GLY A 97 -9.34 12.85 -16.21
N THR A 98 -10.64 13.11 -16.43
CA THR A 98 -11.64 13.05 -15.35
C THR A 98 -12.87 12.39 -15.94
N PRO A 99 -13.80 11.91 -15.09
CA PRO A 99 -15.00 11.29 -15.66
C PRO A 99 -15.90 12.24 -16.49
N LYS A 100 -16.00 13.50 -16.12
CA LYS A 100 -16.76 14.47 -16.93
C LYS A 100 -16.14 14.51 -18.34
N GLU A 101 -14.81 14.47 -18.44
CA GLU A 101 -14.17 14.46 -19.73
C GLU A 101 -14.57 13.23 -20.52
N ALA A 102 -14.57 12.06 -19.86
CA ALA A 102 -15.01 10.80 -20.52
C ALA A 102 -16.45 10.94 -21.06
N ASN A 103 -17.34 11.52 -20.27
CA ASN A 103 -18.74 11.70 -20.68
C ASN A 103 -18.86 12.72 -21.82
N GLU A 104 -18.03 13.75 -21.80
CA GLU A 104 -17.98 14.73 -22.89
C GLU A 104 -17.56 14.03 -24.17
N ALA A 105 -16.56 13.14 -24.11
CA ALA A 105 -16.08 12.48 -25.32
C ALA A 105 -17.12 11.50 -25.83
N LEU A 106 -17.79 10.78 -24.93
CA LEU A 106 -18.93 9.94 -25.38
C LEU A 106 -19.91 10.73 -26.18
N ARG A 107 -20.24 11.93 -25.70
CA ARG A 107 -21.27 12.77 -26.31
C ARG A 107 -20.84 13.20 -27.68
N TRP A 108 -19.58 13.64 -27.77
CA TRP A 108 -18.98 13.98 -29.04
C TRP A 108 -18.94 12.82 -30.07
N ALA A 109 -18.46 11.65 -29.65
CA ALA A 109 -18.50 10.47 -30.47
C ALA A 109 -19.91 10.11 -30.98
N GLU A 110 -20.88 10.04 -30.08
CA GLU A 110 -22.22 9.62 -30.44
C GLU A 110 -22.88 10.63 -31.37
N ARG A 111 -22.61 11.91 -31.19
CA ARG A 111 -23.13 12.96 -32.07
C ARG A 111 -22.68 12.66 -33.51
N HIS A 112 -21.48 12.12 -33.69
CA HIS A 112 -20.95 11.80 -35.00
C HIS A 112 -21.22 10.39 -35.49
N GLY A 113 -22.07 9.61 -34.79
CA GLY A 113 -22.34 8.21 -35.16
C GLY A 113 -21.20 7.23 -34.91
N THR A 114 -20.40 7.51 -33.88
CA THR A 114 -19.19 6.70 -33.62
C THR A 114 -19.28 6.00 -32.25
N GLY A 115 -19.02 4.70 -32.20
CA GLY A 115 -19.03 3.93 -30.92
C GLY A 115 -17.86 4.40 -30.04
N TYR A 116 -17.98 4.26 -28.73
CA TYR A 116 -17.03 4.83 -27.81
C TYR A 116 -16.68 3.91 -26.65
N LEU A 117 -15.40 3.61 -26.47
CA LEU A 117 -14.93 3.02 -25.23
C LEU A 117 -13.93 3.94 -24.57
N ASP A 118 -13.96 4.00 -23.24
CA ASP A 118 -12.93 4.72 -22.50
C ASP A 118 -12.09 3.70 -21.74
N GLY A 119 -10.79 3.89 -21.72
CA GLY A 119 -9.90 2.93 -21.14
C GLY A 119 -8.80 3.54 -20.34
N ALA A 120 -8.33 2.81 -19.35
CA ALA A 120 -7.22 3.24 -18.51
C ALA A 120 -6.17 2.18 -18.52
N ILE A 121 -4.97 2.61 -18.88
CA ILE A 121 -3.82 1.74 -18.98
C ILE A 121 -3.18 1.65 -17.60
N MET A 122 -3.12 0.44 -17.02
CA MET A 122 -2.67 0.25 -15.63
C MET A 122 -1.21 -0.17 -15.42
N VAL A 123 -0.41 -0.07 -16.47
CA VAL A 123 0.96 -0.44 -16.42
C VAL A 123 1.71 0.62 -17.20
N PRO A 124 3.03 0.69 -17.02
CA PRO A 124 3.91 1.53 -17.85
C PRO A 124 4.00 1.05 -19.31
N PRO A 125 4.42 1.97 -20.21
CA PRO A 125 4.56 1.66 -21.64
C PRO A 125 5.30 0.36 -21.93
N ALA A 126 6.42 0.16 -21.28
CA ALA A 126 7.20 -1.04 -21.57
C ALA A 126 6.48 -2.38 -21.24
N MET A 127 5.51 -2.35 -20.34
CA MET A 127 4.69 -3.52 -20.01
C MET A 127 3.52 -3.77 -20.95
N VAL A 128 3.09 -2.73 -21.68
CA VAL A 128 1.96 -2.86 -22.60
C VAL A 128 2.18 -4.02 -23.58
N GLY A 129 1.17 -4.86 -23.77
CA GLY A 129 1.34 -5.99 -24.66
C GLY A 129 2.23 -7.12 -24.12
N HIS A 130 2.53 -7.14 -22.82
CA HIS A 130 3.28 -8.21 -22.16
C HIS A 130 2.50 -8.78 -20.99
N PRO A 131 2.94 -9.95 -20.44
CA PRO A 131 2.09 -10.57 -19.42
C PRO A 131 2.09 -9.66 -18.22
N GLY A 132 0.93 -9.50 -17.61
CA GLY A 132 0.77 -8.58 -16.50
C GLY A 132 0.13 -7.27 -16.91
N SER A 133 0.08 -6.97 -18.19
CA SER A 133 -0.62 -5.76 -18.65
C SER A 133 -2.10 -5.92 -18.40
N VAL A 134 -2.70 -4.84 -17.86
CA VAL A 134 -4.10 -4.79 -17.54
C VAL A 134 -4.58 -3.38 -17.97
N PHE A 135 -5.69 -3.38 -18.66
CA PHE A 135 -6.38 -2.17 -19.08
C PHE A 135 -7.82 -2.29 -18.53
N LEU A 136 -8.29 -1.20 -17.93
CA LEU A 136 -9.68 -1.09 -17.50
C LEU A 136 -10.54 -0.36 -18.59
N TYR A 137 -11.75 -0.85 -18.88
CA TYR A 137 -12.60 -0.27 -19.90
C TYR A 137 -13.96 0.04 -19.35
N SER A 138 -14.56 1.10 -19.90
CA SER A 138 -15.95 1.35 -19.70
C SER A 138 -16.59 1.88 -20.97
N GLY A 139 -17.87 1.59 -21.13
CA GLY A 139 -18.58 1.88 -22.38
C GLY A 139 -19.45 0.73 -22.82
N SER A 140 -20.16 0.92 -23.93
CA SER A 140 -21.11 -0.05 -24.47
C SER A 140 -20.54 -1.48 -24.43
N ALA A 141 -21.30 -2.36 -23.79
CA ALA A 141 -20.97 -3.77 -23.69
C ALA A 141 -20.88 -4.46 -25.08
N GLU A 142 -21.74 -4.03 -26.01
CA GLU A 142 -21.72 -4.54 -27.39
C GLU A 142 -20.42 -4.16 -28.07
N VAL A 143 -20.04 -2.89 -27.95
CA VAL A 143 -18.75 -2.46 -28.56
C VAL A 143 -17.57 -3.24 -27.92
N PHE A 144 -17.59 -3.39 -26.59
CA PHE A 144 -16.51 -4.09 -25.89
C PHE A 144 -16.39 -5.54 -26.32
N GLU A 145 -17.52 -6.24 -26.36
CA GLU A 145 -17.58 -7.63 -26.83
C GLU A 145 -17.08 -7.79 -28.24
N GLU A 146 -17.46 -6.84 -29.12
CA GLU A 146 -16.97 -6.91 -30.50
C GLU A 146 -15.44 -6.78 -30.62
N TYR A 147 -14.80 -5.92 -29.82
CA TYR A 147 -13.37 -5.69 -29.93
C TYR A 147 -12.50 -6.30 -28.84
N LYS A 148 -13.12 -7.01 -27.92
CA LYS A 148 -12.45 -7.58 -26.74
C LYS A 148 -11.18 -8.32 -27.13
N GLU A 149 -11.28 -9.12 -28.18
CA GLU A 149 -10.18 -10.01 -28.55
C GLU A 149 -9.01 -9.25 -29.08
N THR A 150 -9.26 -8.26 -29.92
CA THR A 150 -8.23 -7.30 -30.32
C THR A 150 -7.64 -6.54 -29.09
N LEU A 151 -8.50 -6.09 -28.19
CA LEU A 151 -8.02 -5.33 -27.01
C LEU A 151 -7.16 -6.21 -26.09
N ALA A 152 -7.48 -7.51 -26.06
CA ALA A 152 -6.72 -8.44 -25.25
C ALA A 152 -5.23 -8.47 -25.63
N GLY A 153 -4.88 -8.15 -26.87
CA GLY A 153 -3.48 -8.11 -27.27
C GLY A 153 -2.66 -7.06 -26.52
N LEU A 154 -3.31 -6.00 -26.02
CA LEU A 154 -2.62 -4.94 -25.30
C LEU A 154 -2.42 -5.30 -23.83
N GLY A 155 -3.36 -6.06 -23.29
CA GLY A 155 -3.38 -6.36 -21.87
C GLY A 155 -4.72 -6.95 -21.53
N ASP A 156 -4.81 -7.62 -20.38
CA ASP A 156 -6.07 -8.19 -19.87
C ASP A 156 -7.11 -7.08 -19.79
N PRO A 157 -8.22 -7.22 -20.54
CA PRO A 157 -9.17 -6.13 -20.62
C PRO A 157 -10.28 -6.38 -19.61
N VAL A 158 -10.44 -5.44 -18.68
CA VAL A 158 -11.43 -5.59 -17.61
C VAL A 158 -12.52 -4.53 -17.85
N HIS A 159 -13.72 -5.00 -18.11
CA HIS A 159 -14.86 -4.14 -18.44
C HIS A 159 -15.56 -3.87 -17.14
N LEU A 160 -15.61 -2.60 -16.72
CA LEU A 160 -16.16 -2.21 -15.45
C LEU A 160 -17.67 -1.94 -15.47
N GLY A 161 -18.26 -1.71 -16.63
CA GLY A 161 -19.63 -1.23 -16.75
C GLY A 161 -19.74 -0.39 -18.03
N THR A 162 -20.96 0.06 -18.32
CA THR A 162 -21.24 0.69 -19.61
C THR A 162 -21.13 2.18 -19.58
N GLU A 163 -21.07 2.81 -18.39
CA GLU A 163 -21.02 4.24 -18.32
C GLU A 163 -19.60 4.78 -18.63
N ALA A 164 -19.55 5.82 -19.44
CA ALA A 164 -18.29 6.26 -20.02
C ALA A 164 -17.21 6.60 -18.97
N GLY A 165 -17.61 7.20 -17.83
CA GLY A 165 -16.63 7.66 -16.83
C GLY A 165 -16.05 6.64 -15.84
N LEU A 166 -16.49 5.40 -15.88
CA LEU A 166 -16.04 4.42 -14.85
C LEU A 166 -14.56 4.09 -14.87
N ALA A 167 -13.99 3.89 -16.05
CA ALA A 167 -12.58 3.60 -16.14
C ALA A 167 -11.70 4.67 -15.54
N VAL A 168 -11.95 5.92 -15.86
CA VAL A 168 -11.25 7.05 -15.23
C VAL A 168 -11.48 7.10 -13.69
N LEU A 169 -12.71 6.81 -13.29
CA LEU A 169 -13.02 6.85 -11.88
C LEU A 169 -12.20 5.78 -11.12
N TYR A 170 -12.20 4.56 -11.64
CA TYR A 170 -11.43 3.49 -10.99
C TYR A 170 -9.94 3.77 -11.06
N ASN A 171 -9.48 4.21 -12.23
CA ASN A 171 -8.06 4.52 -12.40
C ASN A 171 -7.57 5.61 -11.45
N THR A 172 -8.32 6.72 -11.38
CA THR A 172 -7.94 7.80 -10.46
C THR A 172 -7.97 7.37 -9.01
N ALA A 173 -8.96 6.57 -8.61
CA ALA A 173 -9.02 6.00 -7.28
C ALA A 173 -7.80 5.12 -6.93
N LEU A 174 -7.50 4.17 -7.80
CA LEU A 174 -6.40 3.24 -7.57
C LEU A 174 -5.08 4.00 -7.52
N LEU A 175 -4.90 4.96 -8.41
CA LEU A 175 -3.67 5.71 -8.40
C LEU A 175 -3.53 6.62 -7.18
N SER A 176 -4.64 7.16 -6.70
CA SER A 176 -4.64 7.93 -5.46
C SER A 176 -4.13 7.10 -4.29
N MET A 177 -4.61 5.87 -4.18
CA MET A 177 -4.07 4.95 -3.19
C MET A 177 -2.56 4.67 -3.39
N MET A 178 -2.16 4.47 -4.63
CA MET A 178 -0.76 4.24 -4.97
C MET A 178 0.15 5.36 -4.48
N TYR A 179 -0.21 6.62 -4.80
CA TYR A 179 0.63 7.72 -4.36
C TYR A 179 0.80 7.75 -2.86
N SER A 180 -0.30 7.61 -2.12
CA SER A 180 -0.20 7.59 -0.67
C SER A 180 0.67 6.43 -0.15
N SER A 181 0.50 5.24 -0.73
CA SER A 181 1.27 4.07 -0.31
C SER A 181 2.74 4.25 -0.56
N MET A 182 3.09 4.72 -1.75
CA MET A 182 4.48 4.92 -2.09
C MET A 182 5.10 5.95 -1.14
N ASN A 183 4.37 7.01 -0.82
CA ASN A 183 4.92 8.03 0.07
C ASN A 183 5.16 7.54 1.47
N GLY A 184 4.23 6.72 1.97
CA GLY A 184 4.41 6.09 3.24
C GLY A 184 5.58 5.12 3.23
N PHE A 185 5.72 4.36 2.15
CA PHE A 185 6.91 3.53 1.97
C PHE A 185 8.22 4.35 2.04
N LEU A 186 8.24 5.53 1.41
CA LEU A 186 9.47 6.36 1.38
C LEU A 186 9.83 6.88 2.76
N HIS A 187 8.82 7.25 3.56
CA HIS A 187 9.07 7.55 4.94
C HIS A 187 9.63 6.32 5.64
N ALA A 188 8.98 5.17 5.48
CA ALA A 188 9.50 3.93 6.07
C ALA A 188 10.99 3.74 5.70
N ALA A 189 11.32 3.86 4.43
CA ALA A 189 12.67 3.59 3.95
C ALA A 189 13.66 4.60 4.54
N ALA A 190 13.24 5.85 4.71
CA ALA A 190 14.09 6.85 5.30
C ALA A 190 14.36 6.53 6.77
N LEU A 191 13.33 6.02 7.45
CA LEU A 191 13.42 5.72 8.83
C LEU A 191 14.40 4.58 9.09
N VAL A 192 14.29 3.49 8.35
CA VAL A 192 15.27 2.37 8.57
C VAL A 192 16.65 2.79 8.04
N GLY A 193 16.66 3.51 6.92
CA GLY A 193 17.91 4.01 6.36
C GLY A 193 18.72 4.85 7.32
N SER A 194 18.06 5.60 8.19
CA SER A 194 18.77 6.47 9.13
C SER A 194 19.54 5.63 10.17
N ALA A 195 19.20 4.36 10.37
CA ALA A 195 20.00 3.45 11.21
C ALA A 195 21.05 2.71 10.42
N GLY A 196 21.18 3.01 9.13
CA GLY A 196 22.08 2.20 8.27
C GLY A 196 21.52 0.88 7.78
N VAL A 197 20.20 0.68 7.87
CA VAL A 197 19.61 -0.55 7.32
C VAL A 197 19.64 -0.47 5.78
N PRO A 198 20.07 -1.53 5.10
CA PRO A 198 20.10 -1.46 3.64
C PRO A 198 18.68 -1.47 3.04
N ALA A 199 18.47 -0.67 2.02
CA ALA A 199 17.13 -0.47 1.48
C ALA A 199 16.58 -1.68 0.72
N ALA A 200 17.45 -2.44 0.04
CA ALA A 200 17.03 -3.56 -0.77
C ALA A 200 16.24 -4.55 0.07
N GLU A 201 16.87 -4.99 1.18
CA GLU A 201 16.30 -6.05 2.05
C GLU A 201 15.03 -5.57 2.77
N PHE A 202 15.06 -4.33 3.24
CA PHE A 202 13.86 -3.79 3.81
C PHE A 202 12.75 -3.73 2.75
N THR A 203 13.10 -3.31 1.55
CA THR A 203 12.09 -3.15 0.47
C THR A 203 11.36 -4.47 0.19
N LYS A 204 12.16 -5.54 0.08
CA LYS A 204 11.65 -6.86 -0.13
C LYS A 204 10.75 -7.27 1.03
N LEU A 205 11.16 -7.01 2.28
CA LEU A 205 10.30 -7.36 3.41
C LEU A 205 8.97 -6.59 3.32
N ALA A 206 9.06 -5.30 3.04
CA ALA A 206 7.89 -4.41 3.01
C ALA A 206 6.93 -4.77 1.90
N VAL A 207 7.47 -5.10 0.73
CA VAL A 207 6.65 -5.33 -0.46
C VAL A 207 6.20 -6.80 -0.56
N ASP A 208 7.15 -7.73 -0.46
CA ASP A 208 6.86 -9.17 -0.58
C ASP A 208 6.11 -9.75 0.60
N TRP A 209 6.28 -9.22 1.81
CA TRP A 209 5.52 -9.74 2.97
C TRP A 209 4.50 -8.69 3.54
N PHE A 210 4.95 -7.53 3.98
CA PHE A 210 4.09 -6.67 4.81
C PHE A 210 2.89 -6.14 4.03
N LEU A 211 3.15 -5.73 2.79
CA LEU A 211 2.12 -5.13 1.95
C LEU A 211 0.90 -6.10 1.73
N PRO A 212 1.14 -7.31 1.27
CA PRO A 212 -0.03 -8.21 1.13
C PRO A 212 -0.56 -8.82 2.41
N ALA A 213 0.36 -9.23 3.29
CA ALA A 213 -0.02 -9.96 4.53
C ALA A 213 -0.57 -9.07 5.59
N VAL A 214 -0.13 -7.81 5.68
CA VAL A 214 -0.65 -6.94 6.69
C VAL A 214 -1.52 -5.80 6.12
N ILE A 215 -0.99 -4.98 5.22
CA ILE A 215 -1.75 -3.84 4.73
C ILE A 215 -3.05 -4.32 4.00
N GLY A 216 -2.92 -5.29 3.11
CA GLY A 216 -4.05 -5.80 2.38
C GLY A 216 -5.13 -6.42 3.26
N GLN A 217 -4.69 -7.20 4.24
CA GLN A 217 -5.60 -7.85 5.16
C GLN A 217 -6.29 -6.90 6.11
N ILE A 218 -5.57 -5.92 6.63
CA ILE A 218 -6.17 -4.89 7.48
C ILE A 218 -7.21 -4.05 6.73
N ILE A 219 -6.90 -3.67 5.49
CA ILE A 219 -7.87 -2.97 4.64
C ILE A 219 -9.15 -3.80 4.53
N LYS A 220 -9.05 -5.06 4.15
CA LYS A 220 -10.25 -5.94 4.04
C LYS A 220 -10.99 -6.11 5.35
N ALA A 221 -10.24 -6.18 6.45
CA ALA A 221 -10.82 -6.29 7.77
C ALA A 221 -11.57 -5.01 8.15
N GLU A 222 -11.05 -3.84 7.82
CA GLU A 222 -11.76 -2.62 8.09
C GLU A 222 -12.95 -2.41 7.15
N ALA A 223 -12.89 -2.95 5.93
CA ALA A 223 -13.90 -2.68 4.91
C ALA A 223 -15.19 -3.33 5.42
N PRO A 224 -16.23 -2.53 5.74
CA PRO A 224 -17.41 -3.19 6.36
C PRO A 224 -18.16 -4.17 5.44
N THR A 225 -17.87 -4.12 4.14
CA THR A 225 -18.55 -5.01 3.19
C THR A 225 -17.78 -6.29 2.89
N ILE A 226 -16.59 -6.51 3.47
CA ILE A 226 -15.76 -7.69 3.15
C ILE A 226 -15.54 -8.45 4.42
N ASP A 227 -15.61 -9.77 4.37
CA ASP A 227 -15.31 -10.63 5.50
C ASP A 227 -15.13 -12.09 5.04
N TYR A 231 -8.25 -13.41 8.85
CA TYR A 231 -8.04 -12.13 9.54
C TYR A 231 -9.21 -11.87 10.53
N PRO A 232 -9.25 -12.59 11.65
CA PRO A 232 -10.26 -12.28 12.69
C PRO A 232 -10.15 -10.90 13.40
N GLY A 233 -9.06 -10.17 13.22
CA GLY A 233 -8.91 -8.88 13.87
C GLY A 233 -9.28 -7.69 12.97
N ASP A 234 -8.82 -6.52 13.40
CA ASP A 234 -8.87 -5.29 12.56
C ASP A 234 -7.83 -4.23 12.99
N ALA A 235 -7.94 -2.98 12.50
CA ALA A 235 -6.95 -1.97 12.84
C ALA A 235 -7.01 -1.48 14.29
N GLY A 236 -8.04 -1.83 15.05
CA GLY A 236 -8.23 -1.33 16.42
C GLY A 236 -8.81 0.08 16.41
N SER A 237 -9.07 0.62 17.58
CA SER A 237 -9.81 1.89 17.70
C SER A 237 -8.95 3.04 17.21
N LEU A 238 -9.60 4.16 16.90
CA LEU A 238 -8.86 5.36 16.53
C LEU A 238 -7.80 5.75 17.58
N GLU A 239 -8.20 5.67 18.84
CA GLU A 239 -7.38 6.11 19.95
C GLU A 239 -6.10 5.28 20.09
N MET A 240 -6.20 3.98 19.94
CA MET A 240 -5.02 3.13 19.98
C MET A 240 -4.10 3.46 18.78
N ASN A 241 -4.68 3.75 17.62
CA ASN A 241 -3.87 4.09 16.47
C ASN A 241 -3.23 5.48 16.64
N VAL A 242 -3.92 6.42 17.29
CA VAL A 242 -3.23 7.72 17.66
C VAL A 242 -1.93 7.47 18.48
N THR A 243 -2.01 6.59 19.47
CA THR A 243 -0.88 6.25 20.32
C THR A 243 0.25 5.61 19.52
N THR A 244 -0.12 4.65 18.66
CA THR A 244 0.86 4.04 17.77
C THR A 244 1.55 5.11 16.97
N LEU A 245 0.79 6.02 16.37
CA LEU A 245 1.40 7.11 15.59
C LEU A 245 2.30 8.03 16.43
N LYS A 246 1.92 8.36 17.66
CA LYS A 246 2.81 9.11 18.57
CA LYS A 246 2.81 9.11 18.57
C LYS A 246 4.18 8.42 18.72
N HIS A 247 4.19 7.09 18.81
CA HIS A 247 5.46 6.32 18.82
C HIS A 247 6.24 6.39 17.53
N ILE A 248 5.52 6.35 16.41
CA ILE A 248 6.17 6.46 15.09
C ILE A 248 6.81 7.85 14.96
N ILE A 249 6.09 8.91 15.36
CA ILE A 249 6.59 10.27 15.31
C ILE A 249 7.81 10.36 16.25
N GLY A 250 7.68 9.77 17.44
CA GLY A 250 8.76 9.79 18.42
C GLY A 250 10.01 9.14 17.86
N THR A 251 9.82 7.97 17.23
CA THR A 251 10.93 7.22 16.67
C THR A 251 11.57 8.05 15.55
N SER A 252 10.71 8.64 14.73
CA SER A 252 11.20 9.43 13.59
C SER A 252 12.07 10.63 14.10
N GLN A 253 11.62 11.31 15.14
CA GLN A 253 12.43 12.40 15.76
C GLN A 253 13.73 11.87 16.31
N GLU A 254 13.70 10.77 17.05
CA GLU A 254 14.95 10.16 17.55
C GLU A 254 15.94 9.89 16.44
N GLN A 255 15.43 9.42 15.30
CA GLN A 255 16.27 9.00 14.17
C GLN A 255 16.69 10.15 13.27
N GLY A 256 16.18 11.38 13.54
CA GLY A 256 16.43 12.55 12.69
C GLY A 256 15.74 12.51 11.31
N VAL A 257 14.58 11.88 11.23
CA VAL A 257 13.87 11.80 9.93
C VAL A 257 12.67 12.69 10.04
N ASP A 258 12.45 13.47 9.01
CA ASP A 258 11.32 14.41 8.96
C ASP A 258 10.01 13.66 9.34
N THR A 259 9.21 14.24 10.20
CA THR A 259 8.02 13.61 10.75
C THR A 259 6.73 13.92 9.98
N GLU A 260 6.85 14.65 8.90
CA GLU A 260 5.72 15.12 8.10
C GLU A 260 4.68 14.04 7.84
N ILE A 261 5.11 12.89 7.30
CA ILE A 261 4.19 11.83 6.95
C ILE A 261 3.38 11.32 8.18
N PRO A 262 4.04 10.74 9.23
CA PRO A 262 3.23 10.34 10.38
C PRO A 262 2.50 11.48 11.10
N VAL A 263 3.04 12.69 11.08
CA VAL A 263 2.32 13.82 11.70
C VAL A 263 0.98 14.01 10.95
N ARG A 264 1.00 14.05 9.63
CA ARG A 264 -0.28 14.22 8.92
C ARG A 264 -1.27 13.09 9.14
N ASN A 265 -0.74 11.88 9.21
CA ASN A 265 -1.59 10.72 9.48
C ASN A 265 -2.23 10.82 10.87
N LYS A 266 -1.46 11.24 11.86
CA LYS A 266 -2.01 11.45 13.20
C LYS A 266 -3.06 12.57 13.23
N GLU A 267 -2.83 13.69 12.50
CA GLU A 267 -3.81 14.80 12.50
C GLU A 267 -5.14 14.40 11.92
N LEU A 268 -5.07 13.56 10.89
CA LEU A 268 -6.27 12.96 10.33
C LEU A 268 -7.07 12.19 11.38
N LEU A 269 -6.41 11.31 12.13
CA LEU A 269 -7.09 10.53 13.15
C LEU A 269 -7.65 11.44 14.26
N ASP A 270 -6.90 12.47 14.67
CA ASP A 270 -7.37 13.43 15.70
C ASP A 270 -8.65 14.14 15.22
N ARG A 271 -8.71 14.51 13.92
CA ARG A 271 -9.96 15.01 13.32
C ARG A 271 -11.06 13.97 13.41
N ALA A 272 -10.76 12.69 13.16
CA ALA A 272 -11.79 11.65 13.17
C ALA A 272 -12.31 11.33 14.57
N VAL A 273 -11.42 11.41 15.57
CA VAL A 273 -11.78 11.20 16.96
C VAL A 273 -12.73 12.31 17.40
N ALA A 274 -12.42 13.54 17.03
CA ALA A 274 -13.25 14.69 17.36
C ALA A 274 -14.67 14.55 16.70
N ALA A 275 -14.75 14.14 15.43
CA ALA A 275 -16.04 13.92 14.72
C ALA A 275 -16.85 12.72 15.28
N GLY A 276 -16.17 11.79 15.95
CA GLY A 276 -16.78 11.03 17.02
C GLY A 276 -17.46 9.77 16.61
N SER A 280 -14.56 4.41 17.85
CA SER A 280 -14.98 4.29 16.48
C SER A 280 -13.88 3.64 15.64
N SER A 281 -14.31 3.09 14.52
CA SER A 281 -13.44 2.25 13.71
C SER A 281 -12.48 3.11 12.86
N TYR A 282 -11.37 2.53 12.46
CA TYR A 282 -10.41 3.22 11.58
C TYR A 282 -11.15 3.64 10.28
N TYR A 283 -11.98 2.76 9.76
CA TYR A 283 -12.61 2.96 8.47
C TYR A 283 -13.40 4.24 8.46
N SER A 284 -13.99 4.62 9.61
CA SER A 284 -14.78 5.86 9.73
C SER A 284 -14.01 7.16 9.37
N VAL A 285 -12.68 7.15 9.38
CA VAL A 285 -11.90 8.26 8.80
C VAL A 285 -12.47 8.66 7.41
N ILE A 286 -12.98 7.70 6.65
CA ILE A 286 -13.48 7.98 5.30
C ILE A 286 -14.61 9.03 5.31
N GLU A 287 -15.34 9.07 6.43
CA GLU A 287 -16.44 9.99 6.60
C GLU A 287 -15.97 11.42 6.65
N LEU A 288 -14.71 11.67 6.94
CA LEU A 288 -14.23 13.05 6.84
C LEU A 288 -14.25 13.60 5.41
N TRP A 289 -14.33 12.74 4.38
CA TRP A 289 -14.10 13.19 3.01
C TRP A 289 -15.27 13.14 2.06
N ARG A 290 -16.41 12.75 2.55
CA ARG A 290 -17.65 12.71 1.72
C ARG A 290 -18.88 13.18 2.52
N ASN B 5 5.60 -28.76 28.93
CA ASN B 5 6.99 -28.40 29.32
C ASN B 5 7.25 -26.95 28.85
N LEU B 6 8.51 -26.58 28.54
CA LEU B 6 8.89 -25.23 28.13
C LEU B 6 8.04 -24.22 28.97
N PRO B 7 8.30 -24.16 30.31
CA PRO B 7 7.61 -23.18 31.17
C PRO B 7 7.85 -21.74 30.66
N VAL B 8 6.81 -20.93 30.68
CA VAL B 8 6.92 -19.53 30.23
C VAL B 8 6.10 -18.72 31.21
N THR B 9 6.59 -17.55 31.54
CA THR B 9 5.85 -16.59 32.33
C THR B 9 5.46 -15.40 31.45
N VAL B 10 4.21 -14.96 31.57
CA VAL B 10 3.72 -13.77 30.87
C VAL B 10 3.43 -12.72 31.91
N ALA B 11 4.07 -11.55 31.78
CA ALA B 11 3.79 -10.39 32.63
C ALA B 11 3.08 -9.31 31.82
N GLY B 12 1.87 -9.01 32.26
CA GLY B 12 0.98 -8.07 31.62
C GLY B 12 -0.15 -8.81 30.97
N LEU B 13 -1.38 -8.56 31.41
CA LEU B 13 -2.53 -9.34 31.01
C LEU B 13 -3.63 -8.47 30.46
N GLY B 14 -3.26 -7.36 29.82
CA GLY B 14 -4.18 -6.65 28.93
C GLY B 14 -4.56 -7.51 27.74
N PRO B 15 -5.26 -6.93 26.78
CA PRO B 15 -5.81 -7.74 25.69
C PRO B 15 -4.74 -8.50 24.89
N MET B 16 -3.61 -7.85 24.59
CA MET B 16 -2.50 -8.54 23.96
C MET B 16 -1.80 -9.60 24.84
N GLY B 17 -1.39 -9.21 26.04
CA GLY B 17 -0.79 -10.15 26.96
C GLY B 17 -1.67 -11.36 27.24
N SER B 18 -2.98 -11.14 27.39
CA SER B 18 -3.92 -12.24 27.58
C SER B 18 -3.91 -13.20 26.37
N ALA B 19 -3.89 -12.62 25.16
CA ALA B 19 -3.80 -13.42 23.93
C ALA B 19 -2.49 -14.20 23.85
N LEU B 20 -1.37 -13.58 24.23
CA LEU B 20 -0.10 -14.29 24.26
C LEU B 20 -0.18 -15.50 25.17
N ALA B 21 -0.72 -15.24 26.39
CA ALA B 21 -0.79 -16.30 27.40
C ALA B 21 -1.67 -17.42 26.90
N ALA B 22 -2.79 -17.08 26.26
CA ALA B 22 -3.77 -18.06 25.87
C ALA B 22 -3.19 -18.89 24.73
N ALA B 23 -2.50 -18.22 23.79
CA ALA B 23 -1.81 -18.95 22.71
C ALA B 23 -0.76 -19.92 23.23
N LEU B 24 0.01 -19.50 24.24
CA LEU B 24 1.00 -20.40 24.84
C LEU B 24 0.32 -21.60 25.56
N LEU B 25 -0.76 -21.33 26.26
CA LEU B 25 -1.54 -22.41 26.90
C LEU B 25 -2.07 -23.36 25.85
N ASP B 26 -2.63 -22.84 24.75
CA ASP B 26 -3.14 -23.71 23.66
C ASP B 26 -2.05 -24.63 23.04
N ARG B 27 -0.78 -24.25 23.09
CA ARG B 27 0.27 -25.14 22.62
C ARG B 27 0.76 -26.07 23.70
N GLY B 28 0.25 -25.90 24.92
CA GLY B 28 0.53 -26.79 26.02
C GLY B 28 1.72 -26.42 26.90
N HIS B 29 2.18 -25.17 26.86
CA HIS B 29 3.21 -24.72 27.84
C HIS B 29 2.65 -24.66 29.24
N ASP B 30 3.54 -24.86 30.23
CA ASP B 30 3.28 -24.53 31.63
C ASP B 30 3.38 -23.01 31.74
N VAL B 31 2.25 -22.33 31.77
CA VAL B 31 2.24 -20.87 31.71
C VAL B 31 1.95 -20.28 33.10
N THR B 32 2.83 -19.40 33.56
CA THR B 32 2.62 -18.64 34.78
C THR B 32 2.31 -17.22 34.38
N VAL B 33 1.22 -16.69 34.89
CA VAL B 33 0.84 -15.35 34.59
C VAL B 33 1.01 -14.37 35.78
N TRP B 34 1.25 -13.10 35.46
CA TRP B 34 1.38 -12.02 36.43
C TRP B 34 0.78 -10.74 35.82
N ASN B 35 0.09 -9.96 36.65
CA ASN B 35 -0.45 -8.66 36.26
C ASN B 35 -0.56 -7.76 37.48
N ARG B 36 -0.45 -6.44 37.29
CA ARG B 36 -0.57 -5.47 38.38
C ARG B 36 -2.03 -5.42 38.92
N SER B 37 -3.01 -5.03 38.10
CA SER B 37 -4.43 -5.07 38.53
C SER B 37 -4.92 -6.51 38.72
N PRO B 38 -5.83 -6.73 39.70
CA PRO B 38 -6.42 -8.06 39.91
C PRO B 38 -7.57 -8.35 38.94
N GLY B 39 -8.00 -9.59 38.87
CA GLY B 39 -9.11 -9.97 37.97
C GLY B 39 -8.78 -10.19 36.51
N LYS B 40 -7.57 -9.86 36.06
CA LYS B 40 -7.23 -10.14 34.65
C LYS B 40 -6.70 -11.58 34.52
N ALA B 41 -6.24 -12.16 35.62
CA ALA B 41 -5.63 -13.52 35.63
C ALA B 41 -6.61 -14.67 35.62
N ALA B 42 -7.81 -14.44 36.17
CA ALA B 42 -8.84 -15.49 36.38
C ALA B 42 -9.20 -16.23 35.08
N PRO B 43 -9.53 -15.49 34.01
CA PRO B 43 -9.84 -16.21 32.79
C PRO B 43 -8.68 -17.11 32.27
N LEU B 44 -7.43 -16.73 32.53
CA LEU B 44 -6.28 -17.51 32.10
C LEU B 44 -6.02 -18.66 33.04
N VAL B 45 -6.24 -18.44 34.33
CA VAL B 45 -6.19 -19.54 35.30
C VAL B 45 -7.21 -20.64 34.92
N ALA B 46 -8.42 -20.22 34.57
CA ALA B 46 -9.46 -21.17 34.10
C ALA B 46 -8.96 -22.05 32.96
N LYS B 47 -8.13 -21.47 32.11
CA LYS B 47 -7.60 -22.13 30.95
C LYS B 47 -6.35 -22.90 31.25
N GLY B 48 -5.88 -22.95 32.50
CA GLY B 48 -4.74 -23.80 32.86
C GLY B 48 -3.48 -23.07 33.30
N ALA B 49 -3.49 -21.75 33.27
CA ALA B 49 -2.33 -20.97 33.74
C ALA B 49 -2.24 -21.04 35.29
N ARG B 50 -1.01 -20.97 35.84
CA ARG B 50 -0.79 -20.82 37.29
C ARG B 50 -0.58 -19.32 37.53
N GLN B 51 -1.29 -18.75 38.47
CA GLN B 51 -1.08 -17.38 38.77
C GLN B 51 0.01 -17.33 39.81
N ALA B 52 0.93 -16.40 39.68
CA ALA B 52 1.97 -16.27 40.69
C ALA B 52 1.63 -15.18 41.72
N ASP B 53 1.97 -15.47 42.98
CA ASP B 53 1.75 -14.53 44.13
C ASP B 53 2.49 -13.23 43.90
N ASP B 54 3.81 -13.34 43.85
CA ASP B 54 4.64 -12.21 43.70
C ASP B 54 5.53 -12.40 42.47
N ILE B 55 6.07 -11.29 42.01
CA ILE B 55 6.84 -11.25 40.78
C ILE B 55 8.08 -12.15 40.90
N VAL B 56 8.64 -12.35 42.09
CA VAL B 56 9.79 -13.23 42.24
C VAL B 56 9.40 -14.67 41.85
N ASP B 57 8.29 -15.18 42.37
CA ASP B 57 7.74 -16.53 42.05
CA ASP B 57 7.97 -16.54 42.07
C ASP B 57 7.49 -16.63 40.58
N ALA B 58 6.88 -15.57 40.03
CA ALA B 58 6.56 -15.56 38.59
C ALA B 58 7.82 -15.72 37.76
N VAL B 59 8.84 -14.93 38.07
CA VAL B 59 10.11 -14.95 37.35
C VAL B 59 10.83 -16.31 37.57
N SER B 60 10.79 -16.84 38.80
CA SER B 60 11.48 -18.07 39.17
C SER B 60 10.85 -19.30 38.55
N ALA B 61 9.59 -19.22 38.11
CA ALA B 61 8.87 -20.36 37.50
C ALA B 61 9.34 -20.71 36.12
N SER B 62 10.03 -19.80 35.42
CA SER B 62 10.31 -20.01 34.04
C SER B 62 11.62 -19.37 33.69
N ARG B 63 12.31 -19.92 32.71
CA ARG B 63 13.57 -19.33 32.25
C ARG B 63 13.20 -18.22 31.23
N LEU B 64 12.07 -18.36 30.55
CA LEU B 64 11.60 -17.33 29.60
C LEU B 64 10.46 -16.44 30.14
N LEU B 65 10.67 -15.12 30.10
CA LEU B 65 9.70 -14.14 30.61
C LEU B 65 9.24 -13.23 29.47
N VAL B 66 7.97 -13.36 29.10
CA VAL B 66 7.37 -12.60 28.02
C VAL B 66 6.66 -11.45 28.64
N VAL B 67 7.05 -10.24 28.26
CA VAL B 67 6.55 -9.03 28.90
C VAL B 67 5.75 -8.22 27.88
N CYS B 68 4.52 -7.86 28.25
CA CYS B 68 3.66 -7.07 27.41
C CYS B 68 2.94 -6.03 28.28
N LEU B 69 3.66 -4.94 28.55
CA LEU B 69 3.21 -3.82 29.41
C LEU B 69 3.18 -2.48 28.62
N ALA B 70 2.67 -1.43 29.25
CA ALA B 70 2.49 -0.11 28.61
C ALA B 70 3.78 0.52 28.11
N ASP B 71 4.78 0.65 28.97
CA ASP B 71 6.05 1.29 28.58
C ASP B 71 7.20 0.75 29.40
N TYR B 72 8.38 1.35 29.20
CA TYR B 72 9.61 1.02 29.95
C TYR B 72 9.52 1.26 31.48
N ASP B 73 8.87 2.35 31.89
CA ASP B 73 8.62 2.62 33.31
C ASP B 73 7.85 1.44 33.93
N ALA B 74 6.85 0.94 33.19
CA ALA B 74 5.97 -0.15 33.66
C ALA B 74 6.76 -1.43 33.81
N LEU B 75 7.68 -1.67 32.88
CA LEU B 75 8.54 -2.83 32.93
C LEU B 75 9.43 -2.80 34.15
N TYR B 76 10.01 -1.62 34.44
CA TYR B 76 10.88 -1.49 35.58
C TYR B 76 10.13 -1.70 36.89
N SER B 77 8.99 -1.05 37.00
CA SER B 77 8.15 -1.15 38.18
C SER B 77 7.70 -2.60 38.45
N ALA B 78 7.24 -3.26 37.40
CA ALA B 78 6.78 -4.64 37.48
C ALA B 78 7.87 -5.61 37.81
N LEU B 79 9.00 -5.50 37.12
CA LEU B 79 10.07 -6.52 37.22
C LEU B 79 11.26 -6.13 38.13
N GLY B 80 11.47 -4.84 38.39
CA GLY B 80 12.45 -4.36 39.38
C GLY B 80 12.52 -5.18 40.64
N PRO B 81 11.38 -5.38 41.31
CA PRO B 81 11.45 -6.17 42.57
C PRO B 81 12.01 -7.56 42.44
N ALA B 82 11.96 -8.15 41.25
CA ALA B 82 12.48 -9.51 41.08
C ALA B 82 13.99 -9.69 41.40
N ARG B 83 14.79 -8.65 41.10
CA ARG B 83 16.21 -8.58 41.48
C ARG B 83 17.01 -9.76 41.00
N GLU B 84 17.66 -10.52 41.90
CA GLU B 84 18.59 -11.52 41.45
C GLU B 84 17.85 -12.68 40.84
N ALA B 85 16.54 -12.77 40.98
CA ALA B 85 15.84 -13.87 40.29
C ALA B 85 15.89 -13.79 38.77
N LEU B 86 16.13 -12.59 38.21
CA LEU B 86 16.22 -12.40 36.76
C LEU B 86 17.51 -12.93 36.22
N ARG B 87 18.51 -13.10 37.09
CA ARG B 87 19.81 -13.50 36.64
C ARG B 87 19.76 -14.84 35.89
N GLY B 88 20.32 -14.89 34.70
CA GLY B 88 20.32 -16.10 33.89
C GLY B 88 19.03 -16.47 33.21
N ARG B 89 18.01 -15.62 33.28
CA ARG B 89 16.75 -15.82 32.55
C ARG B 89 16.79 -14.93 31.33
N VAL B 90 15.69 -14.94 30.57
CA VAL B 90 15.58 -14.20 29.35
C VAL B 90 14.28 -13.45 29.36
N VAL B 91 14.37 -12.16 29.05
CA VAL B 91 13.19 -11.31 28.90
C VAL B 91 12.94 -11.06 27.42
N VAL B 92 11.69 -11.27 26.99
CA VAL B 92 11.29 -10.98 25.64
C VAL B 92 10.27 -9.86 25.79
N ASN B 93 10.68 -8.64 25.45
CA ASN B 93 9.88 -7.45 25.67
C ASN B 93 9.12 -7.18 24.38
N LEU B 94 7.80 -7.24 24.48
CA LEU B 94 6.95 -7.06 23.30
C LEU B 94 6.23 -5.70 23.20
N ASN B 95 6.64 -4.68 23.94
CA ASN B 95 5.97 -3.43 23.90
CA ASN B 95 5.98 -3.40 23.71
C ASN B 95 6.83 -2.15 23.89
N SER B 96 8.07 -2.17 23.41
CA SER B 96 8.82 -0.87 23.35
C SER B 96 8.00 -0.08 22.25
N GLY B 97 7.48 1.16 22.35
CA GLY B 97 8.11 2.44 22.40
C GLY B 97 8.76 2.92 21.08
N THR B 98 10.03 3.15 21.29
CA THR B 98 10.90 3.74 20.36
C THR B 98 12.17 2.94 20.54
N PRO B 99 13.15 3.09 19.62
CA PRO B 99 14.35 2.32 19.74
C PRO B 99 15.19 2.71 20.96
N LYS B 100 15.19 3.97 21.37
CA LYS B 100 15.88 4.35 22.58
C LYS B 100 15.28 3.58 23.77
N GLU B 101 13.97 3.40 23.80
CA GLU B 101 13.36 2.62 24.87
C GLU B 101 13.81 1.16 24.86
N ALA B 102 13.90 0.57 23.67
CA ALA B 102 14.46 -0.76 23.52
C ALA B 102 15.89 -0.86 24.08
N ASN B 103 16.71 0.12 23.75
CA ASN B 103 18.09 0.12 24.25
C ASN B 103 18.18 0.34 25.77
N GLU B 104 17.32 1.16 26.31
CA GLU B 104 17.20 1.33 27.76
C GLU B 104 16.86 0.00 28.43
N ALA B 105 15.91 -0.75 27.84
CA ALA B 105 15.55 -2.05 28.43
C ALA B 105 16.66 -3.07 28.31
N LEU B 106 17.37 -3.07 27.17
CA LEU B 106 18.54 -3.96 27.08
C LEU B 106 19.50 -3.69 28.25
N ARG B 107 19.73 -2.41 28.52
CA ARG B 107 20.70 -2.03 29.56
C ARG B 107 20.24 -2.53 30.92
N TRP B 108 18.95 -2.32 31.19
CA TRP B 108 18.32 -2.80 32.41
C TRP B 108 18.53 -4.32 32.54
N ALA B 109 18.21 -5.06 31.49
CA ALA B 109 18.29 -6.51 31.50
C ALA B 109 19.74 -7.00 31.74
N GLU B 110 20.68 -6.40 31.03
CA GLU B 110 22.05 -6.81 31.16
C GLU B 110 22.60 -6.52 32.54
N ARG B 111 22.18 -5.42 33.16
CA ARG B 111 22.59 -5.13 34.57
C ARG B 111 22.17 -6.25 35.50
N HIS B 112 21.03 -6.88 35.21
CA HIS B 112 20.50 -7.97 36.04
C HIS B 112 21.01 -9.37 35.62
N GLY B 113 21.95 -9.47 34.67
CA GLY B 113 22.40 -10.76 34.14
C GLY B 113 21.36 -11.50 33.31
N THR B 114 20.52 -10.73 32.61
CA THR B 114 19.34 -11.26 31.94
C THR B 114 19.48 -11.11 30.43
N GLY B 115 19.23 -12.17 29.68
CA GLY B 115 19.23 -12.08 28.22
C GLY B 115 18.03 -11.26 27.79
N TYR B 116 18.08 -10.66 26.59
CA TYR B 116 17.05 -9.69 26.19
C TYR B 116 16.73 -9.80 24.72
N LEU B 117 15.45 -10.05 24.39
CA LEU B 117 14.94 -9.89 23.07
C LEU B 117 13.84 -8.83 23.04
N ASP B 118 13.85 -7.98 22.00
CA ASP B 118 12.79 -6.99 21.81
C ASP B 118 12.02 -7.43 20.59
N GLY B 119 10.70 -7.38 20.72
CA GLY B 119 9.83 -7.97 19.69
C GLY B 119 8.69 -7.04 19.35
N ALA B 120 8.27 -7.07 18.10
CA ALA B 120 7.10 -6.35 17.63
C ALA B 120 6.08 -7.33 17.06
N ILE B 121 4.87 -7.22 17.58
CA ILE B 121 3.77 -8.09 17.24
C ILE B 121 3.11 -7.47 16.00
N MET B 122 3.13 -8.19 14.89
CA MET B 122 2.67 -7.65 13.59
C MET B 122 1.19 -7.97 13.21
N VAL B 123 0.41 -8.45 14.18
CA VAL B 123 -0.95 -8.81 13.97
C VAL B 123 -1.74 -8.38 15.18
N PRO B 124 -3.07 -8.24 15.03
CA PRO B 124 -3.95 -8.01 16.20
C PRO B 124 -3.98 -9.20 17.19
N PRO B 125 -4.40 -8.92 18.45
CA PRO B 125 -4.53 -9.95 19.50
C PRO B 125 -5.21 -11.21 19.02
N ALA B 126 -6.33 -11.08 18.33
CA ALA B 126 -7.08 -12.27 17.93
C ALA B 126 -6.31 -13.24 16.98
N MET B 127 -5.32 -12.72 16.23
CA MET B 127 -4.46 -13.51 15.31
C MET B 127 -3.27 -14.19 15.96
N VAL B 128 -2.88 -13.69 17.12
CA VAL B 128 -1.73 -14.20 17.83
C VAL B 128 -1.87 -15.71 17.96
N GLY B 129 -0.82 -16.44 17.67
CA GLY B 129 -0.85 -17.90 17.79
C GLY B 129 -1.35 -18.68 16.59
N HIS B 130 -1.98 -17.99 15.65
CA HIS B 130 -2.73 -18.61 14.57
C HIS B 130 -1.86 -18.45 13.30
N PRO B 131 -2.13 -19.29 12.26
CA PRO B 131 -1.35 -19.15 11.04
C PRO B 131 -1.51 -17.77 10.44
N GLY B 132 -0.39 -17.20 10.03
CA GLY B 132 -0.34 -15.79 9.62
C GLY B 132 0.30 -14.85 10.64
N SER B 133 0.36 -15.24 11.91
CA SER B 133 0.94 -14.39 12.95
C SER B 133 2.44 -14.31 12.66
N VAL B 134 2.98 -13.11 12.74
CA VAL B 134 4.37 -12.83 12.51
C VAL B 134 4.83 -11.84 13.58
N PHE B 135 5.95 -12.17 14.20
CA PHE B 135 6.56 -11.35 15.24
C PHE B 135 7.97 -11.07 14.74
N LEU B 136 8.36 -9.78 14.78
CA LEU B 136 9.73 -9.36 14.47
C LEU B 136 10.57 -9.27 15.75
N TYR B 137 11.79 -9.81 15.72
CA TYR B 137 12.63 -9.85 16.91
C TYR B 137 13.98 -9.21 16.63
N SER B 138 14.51 -8.54 17.65
CA SER B 138 15.91 -8.13 17.65
C SER B 138 16.55 -8.39 18.99
N GLY B 139 17.86 -8.70 18.95
CA GLY B 139 18.62 -9.09 20.13
C GLY B 139 19.52 -10.27 19.85
N SER B 140 20.25 -10.70 20.88
CA SER B 140 21.24 -11.76 20.78
C SER B 140 20.76 -12.94 19.95
N ALA B 141 21.53 -13.28 18.92
CA ALA B 141 21.23 -14.39 18.04
C ALA B 141 21.21 -15.75 18.79
N GLU B 142 22.13 -15.90 19.77
CA GLU B 142 22.18 -17.10 20.63
C GLU B 142 20.86 -17.20 21.41
N VAL B 143 20.45 -16.12 22.02
CA VAL B 143 19.18 -16.14 22.76
C VAL B 143 17.99 -16.50 21.85
N PHE B 144 17.93 -15.88 20.67
CA PHE B 144 16.87 -16.12 19.73
C PHE B 144 16.81 -17.60 19.29
N GLU B 145 17.95 -18.15 18.91
CA GLU B 145 18.07 -19.56 18.56
C GLU B 145 17.66 -20.49 19.69
N GLU B 146 18.04 -20.16 20.93
CA GLU B 146 17.65 -20.97 22.07
C GLU B 146 16.14 -20.99 22.34
N TYR B 147 15.43 -19.87 22.14
CA TYR B 147 13.99 -19.81 22.43
C TYR B 147 13.05 -19.79 21.21
N LYS B 148 13.64 -19.90 20.02
CA LYS B 148 12.94 -19.82 18.75
C LYS B 148 11.67 -20.70 18.74
N GLU B 149 11.80 -21.92 19.25
CA GLU B 149 10.73 -22.93 19.15
C GLU B 149 9.57 -22.50 20.03
N THR B 150 9.85 -22.09 21.24
CA THR B 150 8.83 -21.50 22.07
C THR B 150 8.19 -20.24 21.44
N LEU B 151 9.00 -19.34 20.93
CA LEU B 151 8.46 -18.12 20.31
C LEU B 151 7.57 -18.45 19.10
N ALA B 152 7.91 -19.53 18.40
CA ALA B 152 7.13 -19.94 17.24
C ALA B 152 5.65 -20.21 17.58
N GLY B 153 5.36 -20.55 18.84
CA GLY B 153 3.98 -20.75 19.27
C GLY B 153 3.13 -19.50 19.21
N LEU B 154 3.76 -18.33 19.26
CA LEU B 154 3.02 -17.08 19.13
C LEU B 154 2.81 -16.62 17.68
N GLY B 155 3.73 -17.00 16.81
CA GLY B 155 3.74 -16.53 15.42
C GLY B 155 5.09 -16.80 14.82
N ASP B 156 5.19 -16.69 13.50
CA ASP B 156 6.42 -16.87 12.75
C ASP B 156 7.45 -15.83 13.26
N PRO B 157 8.54 -16.31 13.88
CA PRO B 157 9.47 -15.38 14.49
C PRO B 157 10.54 -15.01 13.48
N VAL B 158 10.64 -13.71 13.18
CA VAL B 158 11.64 -13.20 12.21
C VAL B 158 12.71 -12.40 12.97
N HIS B 159 13.97 -12.82 12.86
CA HIS B 159 15.03 -12.19 13.58
C HIS B 159 15.72 -11.21 12.66
N LEU B 160 15.71 -9.92 13.01
CA LEU B 160 16.18 -8.87 12.16
C LEU B 160 17.66 -8.55 12.34
N GLY B 161 18.23 -8.92 13.46
CA GLY B 161 19.61 -8.51 13.79
C GLY B 161 19.74 -8.51 15.29
N THR B 162 20.95 -8.24 15.77
CA THR B 162 21.23 -8.40 17.20
C THR B 162 21.05 -7.12 18.00
N GLU B 163 20.96 -5.95 17.38
CA GLU B 163 20.81 -4.69 18.12
C GLU B 163 19.36 -4.50 18.67
N ALA B 164 19.27 -4.06 19.92
CA ALA B 164 18.01 -4.08 20.63
C ALA B 164 16.90 -3.33 19.93
N GLY B 165 17.22 -2.19 19.31
CA GLY B 165 16.21 -1.30 18.73
C GLY B 165 15.64 -1.61 17.34
N LEU B 166 16.11 -2.67 16.69
CA LEU B 166 15.72 -2.92 15.31
C LEU B 166 14.28 -3.28 15.11
N ALA B 167 13.75 -4.12 16.00
CA ALA B 167 12.35 -4.51 15.89
C ALA B 167 11.43 -3.32 15.92
N VAL B 168 11.66 -2.40 16.84
CA VAL B 168 10.84 -1.19 16.94
C VAL B 168 11.05 -0.30 15.73
N LEU B 169 12.28 -0.24 15.25
CA LEU B 169 12.56 0.57 14.07
C LEU B 169 11.79 0.03 12.85
N TYR B 170 11.93 -1.25 12.57
CA TYR B 170 11.21 -1.87 11.47
C TYR B 170 9.68 -1.75 11.65
N ASN B 171 9.20 -2.01 12.86
CA ASN B 171 7.77 -1.97 13.15
C ASN B 171 7.18 -0.58 12.94
N THR B 172 7.84 0.43 13.50
CA THR B 172 7.42 1.81 13.33
C THR B 172 7.49 2.25 11.88
N ALA B 173 8.51 1.82 11.16
CA ALA B 173 8.60 2.12 9.73
C ALA B 173 7.44 1.46 8.91
N LEU B 174 7.24 0.15 9.12
CA LEU B 174 6.22 -0.57 8.40
C LEU B 174 4.86 0.01 8.73
N LEU B 175 4.60 0.30 10.01
CA LEU B 175 3.30 0.82 10.36
C LEU B 175 3.08 2.22 9.73
N SER B 176 4.15 3.01 9.66
CA SER B 176 4.04 4.35 9.04
C SER B 176 3.55 4.19 7.60
N MET B 177 4.11 3.25 6.87
CA MET B 177 3.67 2.93 5.53
C MET B 177 2.22 2.45 5.51
N MET B 178 1.87 1.62 6.48
CA MET B 178 0.48 1.09 6.59
C MET B 178 -0.55 2.22 6.74
N TYR B 179 -0.31 3.14 7.67
CA TYR B 179 -1.24 4.23 7.81
C TYR B 179 -1.43 5.00 6.54
N SER B 180 -0.34 5.35 5.86
CA SER B 180 -0.48 6.12 4.61
C SER B 180 -1.27 5.30 3.56
N SER B 181 -0.99 4.02 3.44
CA SER B 181 -1.62 3.16 2.45
C SER B 181 -3.07 3.04 2.71
N MET B 182 -3.43 2.85 3.99
CA MET B 182 -4.83 2.70 4.36
C MET B 182 -5.58 4.01 4.04
N ASN B 183 -4.98 5.14 4.38
CA ASN B 183 -5.64 6.43 4.11
C ASN B 183 -5.84 6.68 2.63
N GLY B 184 -4.85 6.36 1.83
CA GLY B 184 -5.00 6.39 0.37
C GLY B 184 -6.12 5.48 -0.10
N PHE B 185 -6.17 4.27 0.43
CA PHE B 185 -7.26 3.36 0.09
C PHE B 185 -8.64 3.95 0.42
N LEU B 186 -8.74 4.60 1.58
CA LEU B 186 -10.01 5.22 1.95
C LEU B 186 -10.39 6.38 1.04
N HIS B 187 -9.41 7.18 0.57
CA HIS B 187 -9.70 8.16 -0.49
C HIS B 187 -10.21 7.46 -1.74
N ALA B 188 -9.49 6.44 -2.20
CA ALA B 188 -9.96 5.62 -3.31
C ALA B 188 -11.37 5.11 -3.14
N ALA B 189 -11.66 4.48 -2.03
CA ALA B 189 -13.01 3.96 -1.76
C ALA B 189 -14.09 5.05 -1.72
N ALA B 190 -13.79 6.20 -1.15
CA ALA B 190 -14.70 7.33 -1.18
C ALA B 190 -14.99 7.79 -2.63
N LEU B 191 -13.95 7.81 -3.46
CA LEU B 191 -14.07 8.25 -4.83
C LEU B 191 -15.01 7.37 -5.63
N VAL B 192 -14.80 6.07 -5.60
CA VAL B 192 -15.68 5.17 -6.36
C VAL B 192 -17.07 5.12 -5.70
N GLY B 193 -17.09 5.13 -4.37
CA GLY B 193 -18.32 5.20 -3.65
C GLY B 193 -19.23 6.37 -4.04
N SER B 194 -18.63 7.52 -4.38
CA SER B 194 -19.41 8.69 -4.72
C SER B 194 -20.15 8.53 -6.06
N ALA B 195 -19.77 7.56 -6.90
CA ALA B 195 -20.55 7.19 -8.11
C ALA B 195 -21.53 6.07 -7.85
N GLY B 196 -21.65 5.64 -6.60
CA GLY B 196 -22.46 4.47 -6.29
C GLY B 196 -21.80 3.10 -6.55
N VAL B 197 -20.47 3.07 -6.71
CA VAL B 197 -19.79 1.78 -6.92
C VAL B 197 -19.79 1.03 -5.61
N PRO B 198 -20.13 -0.26 -5.63
CA PRO B 198 -20.15 -1.02 -4.38
C PRO B 198 -18.71 -1.31 -3.89
N ALA B 199 -18.49 -1.16 -2.61
CA ALA B 199 -17.14 -1.17 -2.04
C ALA B 199 -16.45 -2.55 -2.08
N ALA B 200 -17.23 -3.63 -1.97
CA ALA B 200 -16.65 -4.97 -1.79
C ALA B 200 -15.80 -5.31 -2.96
N GLU B 201 -16.39 -5.17 -4.15
CA GLU B 201 -15.75 -5.52 -5.40
C GLU B 201 -14.57 -4.60 -5.71
N PHE B 202 -14.71 -3.31 -5.42
CA PHE B 202 -13.58 -2.43 -5.61
C PHE B 202 -12.45 -2.81 -4.64
N THR B 203 -12.81 -3.13 -3.39
CA THR B 203 -11.83 -3.48 -2.39
C THR B 203 -10.96 -4.68 -2.81
N LYS B 204 -11.63 -5.70 -3.31
CA LYS B 204 -11.00 -6.90 -3.82
C LYS B 204 -10.10 -6.59 -5.00
N LEU B 205 -10.57 -5.77 -5.94
CA LEU B 205 -9.71 -5.36 -7.07
C LEU B 205 -8.44 -4.62 -6.56
N ALA B 206 -8.64 -3.69 -5.61
CA ALA B 206 -7.56 -2.85 -5.11
C ALA B 206 -6.55 -3.69 -4.33
N VAL B 207 -7.04 -4.61 -3.50
CA VAL B 207 -6.18 -5.35 -2.56
C VAL B 207 -5.62 -6.63 -3.20
N ASP B 208 -6.51 -7.42 -3.80
CA ASP B 208 -6.06 -8.70 -4.42
C ASP B 208 -5.25 -8.53 -5.73
N TRP B 209 -5.50 -7.46 -6.49
CA TRP B 209 -4.74 -7.24 -7.73
C TRP B 209 -3.84 -5.97 -7.67
N PHE B 210 -4.42 -4.79 -7.46
CA PHE B 210 -3.67 -3.57 -7.71
C PHE B 210 -2.49 -3.44 -6.74
N LEU B 211 -2.75 -3.71 -5.48
CA LEU B 211 -1.73 -3.55 -4.43
C LEU B 211 -0.43 -4.39 -4.71
N PRO B 212 -0.55 -5.70 -4.91
CA PRO B 212 0.67 -6.45 -5.22
C PRO B 212 1.23 -6.28 -6.64
N ALA B 213 0.35 -6.28 -7.63
CA ALA B 213 0.76 -6.24 -9.03
C ALA B 213 1.24 -4.89 -9.48
N VAL B 214 0.68 -3.81 -8.96
CA VAL B 214 1.10 -2.48 -9.38
C VAL B 214 1.88 -1.75 -8.28
N ILE B 215 1.28 -1.55 -7.11
CA ILE B 215 1.96 -0.76 -6.08
C ILE B 215 3.29 -1.41 -5.64
N GLY B 216 3.26 -2.69 -5.30
CA GLY B 216 4.46 -3.42 -4.90
C GLY B 216 5.56 -3.39 -5.95
N GLN B 217 5.16 -3.65 -7.17
CA GLN B 217 6.13 -3.69 -8.27
C GLN B 217 6.73 -2.35 -8.61
N ILE B 218 5.91 -1.31 -8.60
CA ILE B 218 6.43 0.03 -8.77
C ILE B 218 7.39 0.48 -7.66
N ILE B 219 7.05 0.18 -6.41
CA ILE B 219 7.97 0.44 -5.29
C ILE B 219 9.35 -0.20 -5.56
N LYS B 220 9.37 -1.49 -5.87
CA LYS B 220 10.62 -2.17 -6.17
C LYS B 220 11.35 -1.59 -7.37
N ALA B 221 10.59 -1.15 -8.37
CA ALA B 221 11.17 -0.57 -9.57
C ALA B 221 11.79 0.80 -9.23
N GLU B 222 11.38 1.76 -8.63
CA GLU B 222 11.86 2.94 -7.95
C GLU B 222 12.93 2.62 -6.93
N ALA B 223 12.99 1.53 -6.26
CA ALA B 223 14.08 1.33 -5.26
C ALA B 223 15.38 1.23 -6.05
N PRO B 224 16.31 2.20 -5.89
CA PRO B 224 17.52 2.14 -6.76
C PRO B 224 18.43 0.93 -6.51
N THR B 225 18.23 0.21 -5.42
CA THR B 225 19.05 -0.95 -5.14
C THR B 225 18.43 -2.29 -5.55
N ILE B 226 17.26 -2.29 -6.18
CA ILE B 226 16.61 -3.54 -6.60
C ILE B 226 16.73 -3.70 -8.12
N TYR B 231 9.63 -6.18 -13.75
CA TYR B 231 8.87 -4.98 -14.08
C TYR B 231 9.73 -3.99 -14.88
N PRO B 232 9.38 -3.75 -16.17
CA PRO B 232 10.28 -2.89 -16.92
C PRO B 232 9.75 -1.56 -17.48
N GLY B 233 9.50 -0.50 -16.76
CA GLY B 233 8.82 -0.48 -15.54
C GLY B 233 9.41 0.52 -14.60
N ASP B 234 8.90 1.77 -14.51
CA ASP B 234 8.92 2.50 -13.21
C ASP B 234 7.74 3.51 -13.03
N ALA B 235 7.77 4.36 -11.99
CA ALA B 235 6.68 5.32 -11.75
C ALA B 235 6.66 6.50 -12.75
N GLY B 236 7.68 6.63 -13.62
CA GLY B 236 7.77 7.77 -14.52
C GLY B 236 8.30 8.98 -13.78
N SER B 237 8.50 10.07 -14.51
CA SER B 237 9.14 11.26 -13.95
C SER B 237 8.20 11.95 -12.94
N LEU B 238 8.78 12.80 -12.10
CA LEU B 238 7.99 13.58 -11.20
C LEU B 238 6.89 14.39 -11.92
N GLU B 239 7.28 15.01 -13.04
CA GLU B 239 6.38 15.92 -13.75
C GLU B 239 5.12 15.17 -14.30
N MET B 240 5.31 14.00 -14.86
CA MET B 240 4.17 13.18 -15.34
C MET B 240 3.27 12.74 -14.18
N ASN B 241 3.86 12.42 -13.03
CA ASN B 241 3.07 12.11 -11.84
C ASN B 241 2.34 13.36 -11.31
N VAL B 242 2.96 14.54 -11.34
CA VAL B 242 2.21 15.79 -10.97
C VAL B 242 0.93 15.94 -11.83
N THR B 243 1.05 15.68 -13.13
CA THR B 243 -0.07 15.83 -14.06
C THR B 243 -1.14 14.80 -13.75
N THR B 244 -0.71 13.56 -13.54
CA THR B 244 -1.63 12.52 -13.06
C THR B 244 -2.39 12.98 -11.81
N LEU B 245 -1.68 13.51 -10.82
CA LEU B 245 -2.32 14.00 -9.59
C LEU B 245 -3.29 15.13 -9.79
N LYS B 246 -2.95 16.06 -10.68
CA LYS B 246 -3.92 17.12 -11.08
C LYS B 246 -5.28 16.51 -11.59
N HIS B 247 -5.21 15.44 -12.38
CA HIS B 247 -6.43 14.75 -12.80
C HIS B 247 -7.20 14.05 -11.69
N ILE B 248 -6.47 13.49 -10.74
CA ILE B 248 -7.06 12.87 -9.56
C ILE B 248 -7.76 13.92 -8.72
N ILE B 249 -7.12 15.07 -8.49
CA ILE B 249 -7.73 16.18 -7.72
C ILE B 249 -8.95 16.67 -8.46
N GLY B 250 -8.82 16.86 -9.77
CA GLY B 250 -9.95 17.31 -10.59
C GLY B 250 -11.12 16.34 -10.44
N THR B 251 -10.85 15.04 -10.52
CA THR B 251 -11.88 14.00 -10.48
C THR B 251 -12.53 14.03 -9.11
N SER B 252 -11.71 14.16 -8.09
CA SER B 252 -12.21 14.18 -6.71
C SER B 252 -13.17 15.37 -6.49
N GLN B 253 -12.81 16.53 -6.98
CA GLN B 253 -13.72 17.70 -6.92
C GLN B 253 -14.99 17.41 -7.66
N GLU B 254 -14.90 16.96 -8.90
CA GLU B 254 -16.14 16.61 -9.66
C GLU B 254 -17.06 15.71 -8.89
N GLN B 255 -16.48 14.73 -8.20
CA GLN B 255 -17.26 13.70 -7.52
C GLN B 255 -17.74 14.14 -6.12
N GLY B 256 -17.32 15.30 -5.65
CA GLY B 256 -17.65 15.82 -4.32
C GLY B 256 -16.94 15.11 -3.17
N VAL B 257 -15.70 14.68 -3.41
CA VAL B 257 -14.93 14.01 -2.44
C VAL B 257 -13.81 14.93 -2.04
N ASP B 258 -13.58 15.06 -0.75
CA ASP B 258 -12.53 15.91 -0.22
C ASP B 258 -11.19 15.62 -0.93
N THR B 259 -10.47 16.69 -1.30
CA THR B 259 -9.24 16.56 -2.08
C THR B 259 -7.94 16.52 -1.24
N GLU B 260 -8.09 16.50 0.07
CA GLU B 260 -6.94 16.53 1.01
C GLU B 260 -5.85 15.56 0.63
N ILE B 261 -6.23 14.30 0.47
CA ILE B 261 -5.22 13.25 0.20
C ILE B 261 -4.42 13.57 -1.11
N PRO B 262 -5.10 13.72 -2.25
CA PRO B 262 -4.26 13.93 -3.48
C PRO B 262 -3.62 15.29 -3.52
N VAL B 263 -4.21 16.29 -2.86
CA VAL B 263 -3.58 17.60 -2.80
C VAL B 263 -2.24 17.46 -2.06
N ARG B 264 -2.22 16.81 -0.89
CA ARG B 264 -0.97 16.66 -0.18
C ARG B 264 0.05 15.90 -0.99
N ASN B 265 -0.39 14.83 -1.66
CA ASN B 265 0.54 13.99 -2.45
C ASN B 265 1.15 14.83 -3.63
N LYS B 266 0.30 15.64 -4.28
CA LYS B 266 0.81 16.55 -5.30
C LYS B 266 1.79 17.57 -4.73
N GLU B 267 1.52 18.16 -3.57
CA GLU B 267 2.44 19.18 -3.03
C GLU B 267 3.80 18.64 -2.76
N LEU B 268 3.81 17.43 -2.23
CA LEU B 268 5.04 16.72 -2.04
C LEU B 268 5.87 16.59 -3.34
N LEU B 269 5.23 16.18 -4.43
CA LEU B 269 5.94 16.09 -5.72
C LEU B 269 6.41 17.47 -6.23
N ASP B 270 5.59 18.49 -6.05
CA ASP B 270 5.96 19.83 -6.41
C ASP B 270 7.23 20.21 -5.66
N ARG B 271 7.31 19.88 -4.36
CA ARG B 271 8.53 20.17 -3.62
C ARG B 271 9.73 19.42 -4.21
N ALA B 272 9.53 18.16 -4.59
CA ALA B 272 10.62 17.39 -5.13
C ALA B 272 11.10 17.86 -6.52
N VAL B 273 10.16 18.36 -7.33
CA VAL B 273 10.47 18.93 -8.64
C VAL B 273 11.32 20.17 -8.45
N ALA B 274 10.91 21.01 -7.49
CA ALA B 274 11.61 22.25 -7.22
C ALA B 274 13.07 21.96 -6.78
N ALA B 275 13.27 20.97 -5.92
CA ALA B 275 14.62 20.60 -5.43
C ALA B 275 15.49 19.92 -6.51
N GLY B 276 14.88 19.09 -7.36
CA GLY B 276 15.54 18.40 -8.45
C GLY B 276 15.08 18.99 -9.79
N PHE B 277 14.45 18.14 -10.61
CA PHE B 277 13.95 18.52 -11.96
C PHE B 277 12.59 17.88 -12.14
N GLY B 278 11.85 18.33 -13.17
CA GLY B 278 10.62 17.64 -13.60
C GLY B 278 10.97 16.23 -14.02
N GLU B 279 12.20 15.99 -14.50
CA GLU B 279 12.62 14.65 -14.91
C GLU B 279 13.21 13.73 -13.79
N SER B 280 13.32 14.22 -12.55
CA SER B 280 13.92 13.42 -11.48
C SER B 280 13.01 12.23 -11.16
N SER B 281 13.54 11.25 -10.46
CA SER B 281 12.78 10.04 -10.21
C SER B 281 11.72 10.24 -9.11
N TYR B 282 10.73 9.36 -9.08
CA TYR B 282 9.77 9.37 -7.98
C TYR B 282 10.49 9.13 -6.61
N TYR B 283 11.46 8.23 -6.59
CA TYR B 283 12.11 7.86 -5.39
C TYR B 283 12.80 9.06 -4.70
N SER B 284 13.31 10.02 -5.49
CA SER B 284 13.99 11.23 -4.94
C SER B 284 13.13 12.05 -3.97
N VAL B 285 11.82 11.89 -4.01
CA VAL B 285 10.96 12.42 -2.94
C VAL B 285 11.53 12.14 -1.51
N ILE B 286 12.15 10.98 -1.34
CA ILE B 286 12.66 10.59 0.00
C ILE B 286 13.73 11.56 0.52
N GLU B 287 14.45 12.19 -0.41
CA GLU B 287 15.44 13.21 -0.07
C GLU B 287 14.83 14.43 0.60
N LEU B 288 13.53 14.68 0.49
CA LEU B 288 12.93 15.77 1.25
C LEU B 288 12.96 15.49 2.74
N TRP B 289 13.16 14.25 3.18
CA TRP B 289 12.95 13.90 4.62
C TRP B 289 14.17 13.47 5.44
N ARG B 290 15.34 13.52 4.83
CA ARG B 290 16.58 13.16 5.50
C ARG B 290 17.74 14.02 5.04
#